data_1OXP
#
_entry.id   1OXP
#
_cell.length_a   69.500
_cell.length_b   91.550
_cell.length_c   128.360
_cell.angle_alpha   90.00
_cell.angle_beta   90.00
_cell.angle_gamma   90.00
#
_symmetry.space_group_name_H-M   'C 2 2 21'
#
loop_
_entity.id
_entity.type
_entity.pdbx_description
1 polymer 'ASPARTATE AMINOTRANSFERASE'
2 non-polymer "4'-DEOXY-4'-ACETYLYAMINO-PYRIDOXAL-5'-PHOSPHATE"
3 water water
#
_entity_poly.entity_id   1
_entity_poly.type   'polypeptide(L)'
_entity_poly.pdbx_seq_one_letter_code
;SSWWSHVEMGPPDPILGVTEAFKRDTNSKKMNLGVGAYRDDNGKPYVLNCVRKAEAMIAAKKMDKEYLPIAGLADFTRAS
AELALGENSEAFKSGRYVTVQGISGTGSLRVGANFLQRFFKFSRDVYLPKPSWGNHTPIFRDAGLQLQAYRYYDPKTCSL
DFTGAMEDISKIPEKSIILLHACAHNPTGVDPRQEQWKELASVVKKRNLLAYFDMAYQGFASGDINRDAWALRHFIEQGI
DVVLSQSYAKNMGLYGERAGAFTVICRDAEEAKRVESQLKILIRPMYSNPPMNGARIASLILNTPELRKEWLVEVKGMAD
RIISMRTQLVSNLKKEGSSHNWQHITDQIGMFCFTGLKPEQVERLTKEFSIYMTKDGRISVAGVASSNVGYLAHAIHQVT
K
;
_entity_poly.pdbx_strand_id   A
#
loop_
_chem_comp.id
_chem_comp.type
_chem_comp.name
_chem_comp.formula
IK2 non-polymer 4'-DEOXY-4'-ACETYLYAMINO-PYRIDOXAL-5'-PHOSPHATE 'C10 H15 N2 O8 P'
#
# COMPACT_ATOMS: atom_id res chain seq x y z
N SER A 1 -15.54 -40.41 7.97
CA SER A 1 -15.72 -39.19 8.79
C SER A 1 -14.49 -39.03 9.74
N SER A 2 -13.72 -38.04 9.33
CA SER A 2 -12.48 -37.50 9.83
C SER A 2 -12.72 -36.18 10.58
N TRP A 3 -11.63 -35.56 11.02
CA TRP A 3 -11.72 -34.29 11.75
C TRP A 3 -12.18 -33.18 10.82
N TRP A 4 -11.60 -33.21 9.63
CA TRP A 4 -11.77 -32.28 8.53
C TRP A 4 -12.54 -32.69 7.30
N SER A 5 -13.48 -33.57 7.47
CA SER A 5 -14.30 -33.98 6.32
C SER A 5 -15.26 -32.86 5.90
N HIS A 6 -15.70 -31.96 6.76
CA HIS A 6 -16.63 -30.85 6.62
C HIS A 6 -16.04 -29.54 6.09
N VAL A 7 -14.73 -29.49 6.05
CA VAL A 7 -13.93 -28.35 5.57
C VAL A 7 -13.99 -28.37 4.04
N GLU A 8 -14.62 -27.36 3.44
CA GLU A 8 -14.74 -27.26 1.97
C GLU A 8 -13.62 -26.45 1.35
N MET A 9 -13.61 -26.55 0.03
CA MET A 9 -12.67 -25.97 -0.93
C MET A 9 -12.96 -24.50 -1.04
N GLY A 10 -12.06 -23.74 -0.48
CA GLY A 10 -12.22 -22.27 -0.49
C GLY A 10 -11.50 -21.85 -1.79
N PRO A 11 -11.95 -20.73 -2.34
CA PRO A 11 -11.39 -20.20 -3.61
C PRO A 11 -10.02 -19.63 -3.54
N PRO A 12 -9.29 -19.46 -4.63
CA PRO A 12 -7.93 -18.87 -4.65
C PRO A 12 -7.94 -17.38 -4.39
N ASP A 13 -6.82 -16.83 -3.90
CA ASP A 13 -6.82 -15.40 -3.62
C ASP A 13 -7.14 -14.52 -4.86
N PRO A 14 -8.10 -13.64 -4.56
CA PRO A 14 -8.49 -12.65 -5.57
C PRO A 14 -7.32 -12.02 -6.33
N ILE A 15 -6.25 -11.61 -5.69
CA ILE A 15 -5.09 -10.98 -6.25
C ILE A 15 -4.01 -12.02 -6.42
N LEU A 16 -3.60 -12.52 -5.26
CA LEU A 16 -2.56 -13.52 -4.98
C LEU A 16 -2.81 -14.75 -5.79
N GLY A 17 -4.07 -15.12 -5.81
CA GLY A 17 -4.47 -16.21 -6.69
C GLY A 17 -4.05 -15.75 -8.10
N VAL A 18 -3.89 -14.52 -8.57
CA VAL A 18 -3.44 -14.25 -9.94
C VAL A 18 -1.99 -14.66 -10.17
N THR A 19 -1.09 -14.54 -9.19
CA THR A 19 0.25 -15.01 -9.54
C THR A 19 0.24 -16.52 -9.73
N GLU A 20 -0.61 -17.20 -8.97
CA GLU A 20 -0.68 -18.69 -9.05
C GLU A 20 -0.86 -19.22 -10.46
N ALA A 21 -1.95 -18.87 -11.12
CA ALA A 21 -2.42 -19.16 -12.44
C ALA A 21 -1.41 -18.64 -13.46
N PHE A 22 -0.82 -17.50 -13.14
CA PHE A 22 0.21 -16.92 -13.99
C PHE A 22 1.40 -17.92 -14.10
N LYS A 23 1.78 -18.34 -12.89
CA LYS A 23 2.94 -19.27 -12.85
C LYS A 23 2.86 -20.41 -13.84
N ARG A 24 1.79 -21.15 -13.82
CA ARG A 24 1.38 -22.27 -14.60
C ARG A 24 1.28 -22.14 -16.10
N ASP A 25 1.16 -20.96 -16.62
CA ASP A 25 0.99 -20.73 -18.07
C ASP A 25 2.24 -21.08 -18.89
N THR A 26 2.05 -21.65 -20.07
CA THR A 26 3.23 -21.99 -20.89
C THR A 26 3.58 -20.99 -22.00
N ASN A 27 2.74 -19.96 -22.16
CA ASN A 27 2.97 -18.92 -23.18
C ASN A 27 4.23 -18.12 -22.80
N SER A 28 5.13 -18.02 -23.76
CA SER A 28 6.41 -17.31 -23.55
C SER A 28 6.30 -15.80 -23.39
N LYS A 29 5.15 -15.34 -23.80
CA LYS A 29 4.65 -13.99 -23.77
C LYS A 29 3.72 -13.67 -22.62
N LYS A 30 3.55 -14.55 -21.65
CA LYS A 30 2.64 -14.26 -20.53
C LYS A 30 3.20 -13.04 -19.81
N MET A 31 2.43 -12.24 -19.12
CA MET A 31 2.77 -11.03 -18.41
C MET A 31 1.90 -11.11 -17.16
N ASN A 32 2.45 -10.84 -16.01
CA ASN A 32 1.75 -10.87 -14.75
C ASN A 32 1.56 -9.42 -14.30
N LEU A 33 0.35 -8.95 -14.55
CA LEU A 33 0.02 -7.55 -14.18
C LEU A 33 -0.96 -7.66 -13.01
N GLY A 34 -0.83 -8.76 -12.27
CA GLY A 34 -1.70 -9.04 -11.16
C GLY A 34 -1.55 -8.24 -9.91
N VAL A 35 -0.47 -8.38 -9.19
CA VAL A 35 -0.10 -7.66 -7.93
C VAL A 35 0.81 -6.43 -8.22
N GLY A 36 0.69 -5.44 -7.33
CA GLY A 36 1.55 -4.23 -7.59
C GLY A 36 3.02 -4.62 -7.37
N ALA A 37 3.71 -5.09 -8.41
CA ALA A 37 5.11 -5.46 -8.23
C ALA A 37 5.93 -4.93 -9.40
N TYR A 38 6.91 -4.16 -9.06
CA TYR A 38 7.83 -3.53 -10.02
C TYR A 38 8.83 -4.50 -10.69
N ARG A 39 8.95 -4.28 -11.97
CA ARG A 39 9.85 -5.02 -12.85
C ARG A 39 10.72 -3.94 -13.46
N ASP A 40 12.00 -4.25 -13.63
CA ASP A 40 12.84 -3.18 -14.28
C ASP A 40 12.42 -3.16 -15.76
N ASP A 41 13.08 -2.43 -16.64
CA ASP A 41 12.74 -2.35 -18.06
C ASP A 41 13.10 -3.44 -19.04
N ASN A 42 13.20 -4.63 -18.51
CA ASN A 42 13.49 -5.91 -19.13
C ASN A 42 12.37 -6.81 -18.59
N GLY A 43 11.71 -6.15 -17.65
CA GLY A 43 10.60 -6.67 -16.89
C GLY A 43 11.19 -7.87 -16.16
N LYS A 44 12.16 -7.56 -15.37
CA LYS A 44 12.88 -8.53 -14.52
C LYS A 44 12.66 -7.93 -13.13
N PRO A 45 12.40 -8.87 -12.21
CA PRO A 45 12.16 -8.41 -10.78
C PRO A 45 13.50 -7.69 -10.46
N TYR A 46 13.21 -6.55 -9.84
CA TYR A 46 14.24 -5.60 -9.48
C TYR A 46 14.44 -5.44 -7.99
N VAL A 47 15.71 -5.63 -7.66
CA VAL A 47 16.24 -5.51 -6.28
C VAL A 47 17.05 -4.23 -6.25
N LEU A 48 16.64 -3.19 -5.53
CA LEU A 48 17.41 -1.92 -5.54
C LEU A 48 18.87 -2.14 -5.09
N ASN A 49 19.61 -1.26 -5.74
CA ASN A 49 21.05 -1.07 -5.64
C ASN A 49 21.42 -0.85 -4.19
N CYS A 50 20.74 0.07 -3.55
CA CYS A 50 21.00 0.38 -2.16
C CYS A 50 20.66 -0.88 -1.37
N VAL A 51 19.67 -1.69 -1.70
CA VAL A 51 19.39 -2.90 -0.88
C VAL A 51 20.55 -3.90 -0.95
N ARG A 52 20.99 -4.09 -2.21
CA ARG A 52 22.10 -4.99 -2.54
C ARG A 52 23.34 -4.62 -1.69
N LYS A 53 23.54 -3.31 -1.52
CA LYS A 53 24.67 -2.85 -0.69
C LYS A 53 24.38 -2.98 0.82
N ALA A 54 23.13 -2.81 1.23
CA ALA A 54 22.69 -2.88 2.62
C ALA A 54 22.96 -4.33 3.04
N GLU A 55 22.62 -5.28 2.18
CA GLU A 55 22.88 -6.67 2.49
C GLU A 55 24.35 -7.05 2.70
N ALA A 56 25.23 -6.47 1.93
CA ALA A 56 26.68 -6.65 1.90
C ALA A 56 27.37 -6.30 3.23
N MET A 57 26.91 -5.19 3.81
CA MET A 57 27.42 -4.67 5.09
C MET A 57 27.03 -5.49 6.30
N ILE A 58 25.89 -6.13 6.28
CA ILE A 58 25.29 -6.97 7.31
C ILE A 58 26.06 -8.30 7.37
N ALA A 59 26.35 -8.66 6.13
CA ALA A 59 27.05 -9.85 5.65
C ALA A 59 28.46 -9.82 6.23
N ALA A 60 29.05 -8.69 5.88
CA ALA A 60 30.40 -8.31 6.31
C ALA A 60 30.56 -8.25 7.82
N LYS A 61 29.54 -7.76 8.49
CA LYS A 61 29.49 -7.61 9.94
C LYS A 61 29.52 -9.00 10.59
N LYS A 62 28.96 -9.98 9.93
CA LYS A 62 28.88 -11.35 10.42
C LYS A 62 27.90 -11.25 11.61
N MET A 63 26.74 -10.64 11.33
CA MET A 63 25.77 -10.45 12.42
C MET A 63 25.15 -11.73 12.95
N ASP A 64 24.74 -11.55 14.19
CA ASP A 64 24.10 -12.63 14.95
C ASP A 64 22.65 -12.69 14.44
N LYS A 65 21.93 -13.70 14.89
CA LYS A 65 20.59 -14.05 14.54
C LYS A 65 19.66 -14.19 15.70
N GLU A 66 20.08 -13.54 16.78
CA GLU A 66 19.36 -13.53 18.05
C GLU A 66 18.06 -12.79 17.97
N TYR A 67 17.20 -13.32 18.79
CA TYR A 67 15.81 -12.79 18.89
C TYR A 67 15.83 -11.28 19.12
N LEU A 68 14.94 -10.60 18.41
CA LEU A 68 14.68 -9.13 18.47
C LEU A 68 13.55 -8.92 19.49
N PRO A 69 13.52 -7.74 20.07
CA PRO A 69 12.45 -7.41 21.04
C PRO A 69 11.14 -7.62 20.32
N ILE A 70 10.12 -7.68 21.15
CA ILE A 70 8.74 -7.88 20.72
C ILE A 70 8.44 -6.70 19.84
N ALA A 71 8.93 -5.49 20.08
CA ALA A 71 8.52 -4.43 19.12
C ALA A 71 9.33 -4.27 17.83
N GLY A 72 10.38 -5.06 17.65
CA GLY A 72 11.29 -5.03 16.53
C GLY A 72 12.56 -4.22 16.86
N LEU A 73 13.30 -4.03 15.78
CA LEU A 73 14.58 -3.29 15.79
C LEU A 73 14.42 -1.83 16.12
N ALA A 74 14.78 -1.33 17.28
CA ALA A 74 14.65 0.06 17.71
C ALA A 74 14.95 1.08 16.61
N ASP A 75 16.07 0.75 16.02
CA ASP A 75 16.56 1.55 14.90
C ASP A 75 15.67 1.58 13.67
N PHE A 76 15.06 0.46 13.34
CA PHE A 76 14.20 0.49 12.15
C PHE A 76 12.90 1.25 12.51
N THR A 77 12.44 1.01 13.71
CA THR A 77 11.19 1.50 14.31
C THR A 77 11.00 3.00 14.28
N ARG A 78 12.08 3.61 14.78
CA ARG A 78 12.44 5.01 14.97
C ARG A 78 12.69 5.68 13.62
N ALA A 79 13.42 5.07 12.73
CA ALA A 79 13.68 5.53 11.39
C ALA A 79 12.39 5.54 10.54
N SER A 80 11.38 4.74 10.80
CA SER A 80 10.12 4.65 10.06
C SER A 80 9.12 5.74 10.42
N ALA A 81 9.11 5.97 11.73
CA ALA A 81 8.32 6.97 12.45
C ALA A 81 8.72 8.27 11.72
N GLU A 82 10.03 8.45 11.70
CA GLU A 82 10.58 9.59 11.00
C GLU A 82 10.19 9.72 9.53
N LEU A 83 10.28 8.72 8.73
CA LEU A 83 9.95 8.71 7.30
C LEU A 83 8.48 9.04 7.17
N ALA A 84 7.68 8.56 8.09
CA ALA A 84 6.25 8.82 8.12
C ALA A 84 5.96 10.30 8.37
N LEU A 85 6.39 10.80 9.53
CA LEU A 85 6.21 12.11 10.11
C LEU A 85 7.09 13.29 9.78
N GLY A 86 8.34 13.18 9.37
CA GLY A 86 9.26 14.29 9.09
C GLY A 86 10.01 14.52 10.41
N GLU A 87 11.27 14.91 10.37
CA GLU A 87 12.07 15.14 11.56
C GLU A 87 11.80 16.37 12.41
N ASN A 88 11.14 17.33 11.84
CA ASN A 88 10.77 18.58 12.49
C ASN A 88 9.52 18.48 13.37
N SER A 89 8.60 17.63 12.97
CA SER A 89 7.30 17.31 13.56
C SER A 89 7.29 17.49 15.07
N GLU A 90 6.20 17.96 15.64
CA GLU A 90 6.10 18.10 17.10
C GLU A 90 5.85 16.68 17.62
N ALA A 91 4.93 15.95 16.99
CA ALA A 91 4.63 14.56 17.30
C ALA A 91 5.92 13.75 17.55
N PHE A 92 6.76 13.79 16.53
CA PHE A 92 8.06 13.10 16.58
C PHE A 92 9.02 13.71 17.60
N LYS A 93 9.21 15.00 17.68
CA LYS A 93 10.08 15.80 18.56
C LYS A 93 9.82 15.51 20.04
N SER A 94 8.57 15.41 20.39
CA SER A 94 7.91 15.17 21.66
C SER A 94 7.78 13.70 22.06
N GLY A 95 7.93 12.77 21.11
CA GLY A 95 7.82 11.34 21.47
C GLY A 95 6.40 10.88 21.76
N ARG A 96 5.36 11.51 21.20
CA ARG A 96 4.00 11.03 21.44
C ARG A 96 3.56 10.00 20.40
N TYR A 97 4.47 9.19 19.91
CA TYR A 97 4.26 8.13 18.96
C TYR A 97 4.81 6.79 19.55
N VAL A 98 4.25 5.65 19.06
CA VAL A 98 4.64 4.28 19.36
C VAL A 98 4.51 3.61 17.95
N THR A 99 5.67 3.09 17.62
CA THR A 99 5.93 2.40 16.34
C THR A 99 6.44 0.99 16.71
N VAL A 100 5.72 0.06 16.11
CA VAL A 100 6.05 -1.36 16.30
C VAL A 100 6.39 -1.92 14.94
N GLN A 101 7.51 -2.66 14.85
CA GLN A 101 7.90 -3.25 13.57
C GLN A 101 6.79 -4.27 13.36
N GLY A 102 6.24 -4.44 12.17
CA GLY A 102 5.13 -5.43 11.96
C GLY A 102 5.41 -6.25 10.72
N ILE A 103 4.55 -7.20 10.42
CA ILE A 103 4.77 -8.10 9.25
C ILE A 103 4.32 -7.55 7.91
N SER A 104 5.13 -6.54 7.62
CA SER A 104 4.99 -5.70 6.40
C SER A 104 3.65 -4.97 6.62
N GLY A 105 3.22 -4.35 5.55
CA GLY A 105 2.00 -3.56 5.58
C GLY A 105 0.81 -4.37 6.04
N THR A 106 0.68 -5.54 5.42
CA THR A 106 -0.42 -6.45 5.77
C THR A 106 -0.40 -6.69 7.29
N GLY A 107 0.73 -7.11 7.82
CA GLY A 107 0.86 -7.35 9.27
C GLY A 107 0.65 -6.09 10.10
N SER A 108 1.19 -4.94 9.73
CA SER A 108 0.94 -3.75 10.55
C SER A 108 -0.53 -3.47 10.70
N LEU A 109 -1.17 -3.56 9.54
CA LEU A 109 -2.62 -3.38 9.32
C LEU A 109 -3.42 -4.24 10.28
N ARG A 110 -3.00 -5.47 10.39
CA ARG A 110 -3.68 -6.45 11.29
C ARG A 110 -3.33 -6.22 12.75
N VAL A 111 -2.09 -5.91 13.12
CA VAL A 111 -1.81 -5.70 14.57
C VAL A 111 -2.68 -4.54 15.09
N GLY A 112 -2.82 -3.61 14.12
CA GLY A 112 -3.56 -2.41 14.19
C GLY A 112 -5.03 -2.78 14.32
N ALA A 113 -5.50 -3.63 13.45
CA ALA A 113 -6.92 -4.02 13.49
C ALA A 113 -7.28 -4.69 14.80
N ASN A 114 -6.37 -5.47 15.36
CA ASN A 114 -6.56 -6.22 16.62
C ASN A 114 -6.35 -5.30 17.81
N PHE A 115 -5.56 -4.31 17.67
CA PHE A 115 -5.33 -3.32 18.74
C PHE A 115 -6.64 -2.56 18.98
N LEU A 116 -7.21 -2.08 17.88
CA LEU A 116 -8.46 -1.36 17.89
C LEU A 116 -9.60 -2.19 18.48
N GLN A 117 -9.68 -3.45 18.09
CA GLN A 117 -10.69 -4.43 18.45
C GLN A 117 -10.77 -4.52 19.98
N ARG A 118 -9.55 -4.53 20.48
CA ARG A 118 -9.19 -4.62 21.88
C ARG A 118 -9.25 -3.29 22.59
N PHE A 119 -8.60 -2.20 22.22
CA PHE A 119 -8.74 -0.95 22.97
C PHE A 119 -9.65 0.13 22.40
N PHE A 120 -10.15 0.18 21.20
CA PHE A 120 -11.04 1.20 20.66
C PHE A 120 -12.47 0.97 21.16
N LYS A 121 -12.76 1.47 22.35
CA LYS A 121 -14.03 1.34 23.08
C LYS A 121 -15.24 2.10 22.53
N PHE A 122 -14.97 2.99 21.59
CA PHE A 122 -16.02 3.81 20.97
C PHE A 122 -16.75 3.23 19.78
N SER A 123 -16.36 2.26 19.00
CA SER A 123 -17.20 1.81 17.87
C SER A 123 -16.65 0.51 17.35
N ARG A 124 -17.37 -0.30 16.61
CA ARG A 124 -16.85 -1.54 16.04
C ARG A 124 -16.79 -1.33 14.51
N ASP A 125 -17.03 -0.13 14.04
CA ASP A 125 -17.10 0.23 12.63
C ASP A 125 -15.91 0.89 11.95
N VAL A 126 -15.46 0.30 10.84
CA VAL A 126 -14.37 0.75 9.99
C VAL A 126 -14.96 0.87 8.57
N TYR A 127 -14.93 2.11 8.20
CA TYR A 127 -15.36 2.69 6.93
C TYR A 127 -14.15 2.75 5.96
N LEU A 128 -14.40 2.07 4.85
CA LEU A 128 -13.51 1.85 3.72
C LEU A 128 -14.02 2.48 2.43
N PRO A 129 -13.09 3.04 1.64
CA PRO A 129 -13.44 3.72 0.39
C PRO A 129 -14.07 2.72 -0.52
N LYS A 130 -14.75 3.18 -1.54
CA LYS A 130 -15.41 2.39 -2.57
C LYS A 130 -14.83 2.77 -3.92
N PRO A 131 -13.96 1.97 -4.47
CA PRO A 131 -13.44 0.70 -3.98
C PRO A 131 -12.19 0.82 -3.12
N SER A 132 -11.81 -0.27 -2.42
CA SER A 132 -10.58 -0.34 -1.63
C SER A 132 -9.79 -1.59 -2.07
N TRP A 133 -8.60 -1.70 -1.53
CA TRP A 133 -7.70 -2.85 -1.74
C TRP A 133 -8.44 -4.04 -1.08
N GLY A 134 -8.64 -5.12 -1.81
CA GLY A 134 -9.36 -6.29 -1.35
C GLY A 134 -9.25 -6.91 0.04
N ASN A 135 -7.99 -6.96 0.48
CA ASN A 135 -7.57 -7.52 1.78
C ASN A 135 -8.02 -6.73 3.00
N HIS A 136 -8.39 -5.46 2.79
CA HIS A 136 -8.86 -4.56 3.83
C HIS A 136 -10.08 -5.25 4.44
N THR A 137 -11.00 -5.70 3.62
CA THR A 137 -12.23 -6.37 4.15
C THR A 137 -11.94 -7.46 5.19
N PRO A 138 -11.31 -8.56 4.77
CA PRO A 138 -10.93 -9.65 5.65
C PRO A 138 -10.00 -9.36 6.81
N ILE A 139 -9.04 -8.43 6.65
CA ILE A 139 -8.10 -8.09 7.73
C ILE A 139 -8.93 -7.66 8.95
N PHE A 140 -9.78 -6.74 8.58
CA PHE A 140 -10.71 -6.04 9.48
C PHE A 140 -11.80 -6.92 10.09
N ARG A 141 -12.34 -7.85 9.35
CA ARG A 141 -13.38 -8.78 9.72
C ARG A 141 -12.82 -9.87 10.61
N ASP A 142 -11.67 -10.43 10.22
CA ASP A 142 -11.01 -11.49 11.00
C ASP A 142 -10.59 -10.92 12.36
N ALA A 143 -10.26 -9.64 12.43
CA ALA A 143 -9.87 -8.90 13.64
C ALA A 143 -10.99 -8.74 14.67
N GLY A 144 -12.22 -8.62 14.22
CA GLY A 144 -13.52 -8.45 14.75
C GLY A 144 -14.41 -7.22 14.61
N LEU A 145 -14.04 -6.26 13.78
CA LEU A 145 -14.84 -5.03 13.63
C LEU A 145 -15.81 -5.24 12.49
N GLN A 146 -16.70 -4.31 12.35
CA GLN A 146 -17.75 -4.29 11.30
C GLN A 146 -17.25 -3.49 10.11
N LEU A 147 -17.78 -3.68 8.93
CA LEU A 147 -17.30 -2.92 7.76
C LEU A 147 -18.39 -1.97 7.26
N GLN A 148 -17.92 -0.81 6.80
CA GLN A 148 -18.84 0.21 6.26
C GLN A 148 -18.14 0.85 5.04
N ALA A 149 -18.91 1.68 4.34
CA ALA A 149 -18.32 2.33 3.16
C ALA A 149 -18.67 3.81 2.93
N TYR A 150 -17.70 4.47 2.32
CA TYR A 150 -17.84 5.87 1.94
C TYR A 150 -17.57 5.82 0.43
N ARG A 151 -18.34 6.56 -0.37
CA ARG A 151 -18.23 6.61 -1.83
C ARG A 151 -16.87 7.15 -2.21
N TYR A 152 -16.10 6.63 -3.11
CA TYR A 152 -14.79 7.20 -3.39
C TYR A 152 -14.65 7.52 -4.88
N TYR A 153 -14.58 6.49 -5.69
CA TYR A 153 -14.43 6.60 -7.14
C TYR A 153 -15.78 6.71 -7.81
N ASP A 154 -15.66 7.31 -8.96
CA ASP A 154 -16.74 7.59 -9.91
C ASP A 154 -16.16 7.17 -11.26
N PRO A 155 -16.76 6.08 -11.71
CA PRO A 155 -16.41 5.43 -12.97
C PRO A 155 -16.96 6.20 -14.14
N LYS A 156 -17.95 7.07 -13.90
CA LYS A 156 -18.47 7.83 -15.05
C LYS A 156 -17.35 8.75 -15.52
N THR A 157 -16.80 9.49 -14.61
CA THR A 157 -15.74 10.43 -14.94
C THR A 157 -14.35 9.96 -14.71
N CYS A 158 -14.11 8.79 -14.13
CA CYS A 158 -12.81 8.17 -13.85
C CYS A 158 -11.98 8.93 -12.82
N SER A 159 -12.70 9.31 -11.78
CA SER A 159 -12.08 10.07 -10.69
C SER A 159 -12.86 10.13 -9.38
N LEU A 160 -12.27 10.83 -8.43
CA LEU A 160 -12.72 11.09 -7.07
C LEU A 160 -14.15 11.54 -7.02
N ASP A 161 -15.10 11.00 -6.33
CA ASP A 161 -16.50 11.50 -6.26
C ASP A 161 -16.39 12.43 -5.04
N PHE A 162 -15.82 13.58 -5.21
CA PHE A 162 -15.64 14.47 -4.06
C PHE A 162 -16.96 14.87 -3.38
N THR A 163 -18.08 15.17 -4.00
CA THR A 163 -19.32 15.52 -3.31
C THR A 163 -19.95 14.35 -2.55
N GLY A 164 -19.81 13.16 -3.12
CA GLY A 164 -20.34 11.93 -2.55
C GLY A 164 -19.50 11.48 -1.35
N ALA A 165 -18.20 11.74 -1.46
CA ALA A 165 -17.28 11.36 -0.40
C ALA A 165 -17.53 12.19 0.86
N MET A 166 -17.66 13.47 0.53
CA MET A 166 -17.84 14.55 1.47
C MET A 166 -19.14 14.32 2.16
N GLU A 167 -20.10 13.82 1.50
CA GLU A 167 -21.44 13.50 2.02
C GLU A 167 -21.52 12.33 3.00
N ASP A 168 -20.88 11.21 2.64
CA ASP A 168 -20.81 10.00 3.44
C ASP A 168 -19.93 10.37 4.61
N ILE A 169 -18.76 10.93 4.31
CA ILE A 169 -17.91 11.29 5.42
C ILE A 169 -18.63 12.17 6.41
N SER A 170 -19.31 13.18 6.03
CA SER A 170 -20.06 14.11 6.91
C SER A 170 -21.13 13.46 7.77
N LYS A 171 -21.59 12.28 7.35
CA LYS A 171 -22.59 11.55 8.11
C LYS A 171 -22.03 10.40 8.93
N ILE A 172 -20.73 10.11 8.94
CA ILE A 172 -20.15 9.01 9.73
C ILE A 172 -20.36 9.45 11.18
N PRO A 173 -20.86 8.50 11.95
CA PRO A 173 -21.14 8.71 13.39
C PRO A 173 -19.88 9.07 14.12
N GLU A 174 -19.89 10.07 14.95
CA GLU A 174 -18.73 10.51 15.72
C GLU A 174 -17.87 9.41 16.32
N LYS A 175 -16.55 9.52 16.35
CA LYS A 175 -15.79 8.41 16.92
C LYS A 175 -15.86 7.09 16.16
N SER A 176 -16.25 6.89 14.94
CA SER A 176 -16.11 5.58 14.29
C SER A 176 -14.65 5.70 13.77
N ILE A 177 -14.18 4.71 13.07
CA ILE A 177 -12.86 4.56 12.45
C ILE A 177 -13.06 4.67 10.93
N ILE A 178 -12.17 5.31 10.25
CA ILE A 178 -12.18 5.47 8.80
C ILE A 178 -10.79 5.25 8.18
N LEU A 179 -10.70 4.34 7.22
CA LEU A 179 -9.48 4.03 6.48
C LEU A 179 -9.36 4.89 5.21
N LEU A 180 -8.26 5.58 5.22
CA LEU A 180 -7.91 6.50 4.15
C LEU A 180 -6.57 6.01 3.61
N HIS A 181 -6.41 6.06 2.31
CA HIS A 181 -5.09 5.64 1.82
C HIS A 181 -4.23 6.94 1.71
N ALA A 182 -3.03 6.89 2.24
CA ALA A 182 -2.06 8.02 2.23
C ALA A 182 -1.77 8.57 0.84
N CYS A 183 -1.58 7.80 -0.19
CA CYS A 183 -1.25 8.16 -1.58
C CYS A 183 -1.24 6.89 -2.47
N ALA A 184 -1.42 7.13 -3.79
CA ALA A 184 -1.51 6.09 -4.85
C ALA A 184 -2.67 5.21 -4.46
N HIS A 185 -3.88 5.76 -4.54
CA HIS A 185 -4.99 4.87 -4.05
C HIS A 185 -5.01 3.66 -4.97
N ASN A 186 -5.14 2.57 -4.21
CA ASN A 186 -5.24 1.15 -4.59
C ASN A 186 -6.71 0.72 -4.36
N PRO A 187 -7.44 0.38 -5.42
CA PRO A 187 -7.04 0.27 -6.82
C PRO A 187 -7.08 1.23 -7.99
N THR A 188 -7.65 2.36 -7.74
CA THR A 188 -7.97 3.46 -8.59
C THR A 188 -6.95 4.42 -9.13
N GLY A 189 -5.84 4.59 -8.39
CA GLY A 189 -4.82 5.54 -8.84
C GLY A 189 -5.26 6.99 -8.62
N VAL A 190 -6.41 7.27 -8.03
CA VAL A 190 -6.92 8.59 -7.74
C VAL A 190 -6.71 9.04 -6.29
N ASP A 191 -6.11 10.18 -6.11
CA ASP A 191 -5.96 10.65 -4.73
C ASP A 191 -6.61 12.04 -4.62
N PRO A 192 -7.12 12.39 -3.43
CA PRO A 192 -7.64 13.73 -3.17
C PRO A 192 -6.53 14.71 -3.61
N ARG A 193 -6.97 15.92 -3.89
CA ARG A 193 -6.06 17.03 -4.32
C ARG A 193 -5.72 17.74 -3.02
N GLN A 194 -4.56 18.27 -2.71
CA GLN A 194 -4.20 18.99 -1.49
C GLN A 194 -5.28 19.67 -0.63
N GLU A 195 -6.08 20.39 -1.35
CA GLU A 195 -7.25 21.19 -1.13
C GLU A 195 -8.36 20.32 -0.56
N GLN A 196 -8.53 19.18 -1.21
CA GLN A 196 -9.53 18.19 -0.82
C GLN A 196 -9.11 17.55 0.49
N TRP A 197 -7.81 17.27 0.50
CA TRP A 197 -7.20 16.67 1.70
C TRP A 197 -7.47 17.77 2.75
N LYS A 198 -7.24 19.05 2.54
CA LYS A 198 -7.57 19.97 3.66
C LYS A 198 -8.99 19.95 4.24
N GLU A 199 -9.91 19.65 3.38
CA GLU A 199 -11.35 19.54 3.65
C GLU A 199 -11.88 18.29 4.34
N LEU A 200 -11.20 17.19 4.01
CA LEU A 200 -11.41 15.84 4.52
C LEU A 200 -11.05 15.99 6.01
N ALA A 201 -9.87 16.56 6.21
CA ALA A 201 -9.29 16.82 7.51
C ALA A 201 -10.31 17.43 8.45
N SER A 202 -10.87 18.52 8.10
CA SER A 202 -11.89 19.32 8.75
C SER A 202 -13.09 18.48 9.11
N VAL A 203 -13.63 17.80 8.13
CA VAL A 203 -14.78 16.96 8.40
C VAL A 203 -14.33 15.81 9.32
N VAL A 204 -13.11 15.26 9.24
CA VAL A 204 -12.64 14.16 10.09
C VAL A 204 -12.54 14.64 11.52
N LYS A 205 -11.91 15.75 11.65
CA LYS A 205 -11.66 16.46 12.91
C LYS A 205 -12.99 16.79 13.57
N LYS A 206 -13.81 17.42 12.78
CA LYS A 206 -15.15 17.84 13.17
C LYS A 206 -16.01 16.71 13.71
N ARG A 207 -15.97 15.53 13.07
CA ARG A 207 -16.77 14.37 13.48
C ARG A 207 -16.08 13.52 14.56
N ASN A 208 -14.84 13.90 14.79
CA ASN A 208 -14.02 13.20 15.80
C ASN A 208 -14.06 11.72 15.44
N LEU A 209 -13.48 11.45 14.28
CA LEU A 209 -13.40 10.09 13.73
C LEU A 209 -11.94 9.69 13.95
N LEU A 210 -11.64 8.42 14.13
CA LEU A 210 -10.29 7.92 14.32
C LEU A 210 -9.77 7.58 12.88
N ALA A 211 -8.81 8.42 12.51
CA ALA A 211 -8.19 8.29 11.19
C ALA A 211 -7.08 7.20 11.22
N TYR A 212 -7.24 6.23 10.35
CA TYR A 212 -6.43 5.10 9.99
C TYR A 212 -6.00 5.21 8.51
N PHE A 213 -4.71 5.50 8.43
CA PHE A 213 -3.89 5.67 7.22
C PHE A 213 -3.11 4.38 6.93
N ASP A 214 -3.28 3.94 5.72
CA ASP A 214 -2.66 2.82 5.04
C ASP A 214 -1.59 3.50 4.12
N MET A 215 -0.33 3.49 4.53
CA MET A 215 0.72 4.05 3.74
C MET A 215 1.71 2.97 3.28
N ALA A 216 1.35 2.40 2.14
CA ALA A 216 2.13 1.34 1.50
C ALA A 216 2.89 1.88 0.31
N TYR A 217 2.51 3.03 -0.27
CA TYR A 217 3.19 3.53 -1.46
C TYR A 217 3.96 4.82 -1.35
N GLN A 218 4.52 5.17 -0.23
CA GLN A 218 5.25 6.43 -0.07
C GLN A 218 6.52 6.49 -0.93
N GLY A 219 6.45 7.43 -1.86
CA GLY A 219 7.41 7.81 -2.87
C GLY A 219 6.98 7.31 -4.24
N PHE A 220 5.75 6.78 -4.31
CA PHE A 220 5.15 6.18 -5.51
C PHE A 220 4.07 7.01 -6.22
N ALA A 221 3.57 8.02 -5.50
CA ALA A 221 2.54 8.90 -6.06
C ALA A 221 3.26 10.03 -6.80
N SER A 222 4.36 10.56 -6.25
CA SER A 222 5.03 11.67 -6.97
C SER A 222 6.50 11.54 -7.28
N GLY A 223 7.12 10.52 -6.73
CA GLY A 223 8.57 10.31 -6.92
C GLY A 223 9.29 10.96 -5.73
N ASP A 224 8.53 11.61 -4.87
CA ASP A 224 9.01 12.29 -3.69
C ASP A 224 8.29 11.88 -2.42
N ILE A 225 9.06 11.30 -1.52
CA ILE A 225 8.54 10.85 -0.23
C ILE A 225 7.92 11.84 0.75
N ASN A 226 8.48 13.03 0.84
CA ASN A 226 7.96 14.02 1.80
C ASN A 226 6.64 14.49 1.20
N ARG A 227 6.60 14.63 -0.11
CA ARG A 227 5.36 15.10 -0.73
C ARG A 227 4.19 14.11 -0.54
N ASP A 228 4.62 12.86 -0.69
CA ASP A 228 3.71 11.70 -0.59
C ASP A 228 3.07 11.61 0.81
N ALA A 229 3.80 11.99 1.84
CA ALA A 229 3.42 12.02 3.24
C ALA A 229 2.69 13.28 3.62
N TRP A 230 2.44 14.22 2.69
CA TRP A 230 1.78 15.52 2.90
C TRP A 230 0.47 15.39 3.70
N ALA A 231 -0.49 14.71 3.10
CA ALA A 231 -1.82 14.47 3.69
C ALA A 231 -1.73 13.91 5.11
N LEU A 232 -0.87 12.93 5.32
CA LEU A 232 -0.67 12.29 6.59
C LEU A 232 -0.30 13.37 7.63
N ARG A 233 0.80 14.03 7.46
CA ARG A 233 1.29 15.05 8.36
C ARG A 233 0.36 16.26 8.52
N HIS A 234 -0.32 16.62 7.44
CA HIS A 234 -1.27 17.71 7.47
C HIS A 234 -2.32 17.31 8.53
N PHE A 235 -2.75 16.06 8.63
CA PHE A 235 -3.76 15.64 9.62
C PHE A 235 -3.42 15.82 11.08
N ILE A 236 -2.28 15.27 11.39
CA ILE A 236 -1.70 15.28 12.74
C ILE A 236 -1.48 16.69 13.27
N GLU A 237 -0.94 17.54 12.41
CA GLU A 237 -0.67 18.95 12.78
C GLU A 237 -1.94 19.76 12.80
N GLN A 238 -3.08 19.23 12.38
CA GLN A 238 -4.40 19.85 12.39
C GLN A 238 -5.05 19.38 13.70
N GLY A 239 -4.31 18.59 14.45
CA GLY A 239 -4.71 18.05 15.74
C GLY A 239 -5.31 16.67 15.76
N ILE A 240 -5.17 16.02 14.62
CA ILE A 240 -5.72 14.66 14.43
C ILE A 240 -4.64 13.62 14.82
N ASP A 241 -5.04 12.80 15.79
CA ASP A 241 -4.14 11.73 16.22
C ASP A 241 -4.55 10.48 15.40
N VAL A 242 -3.68 10.09 14.49
CA VAL A 242 -3.96 8.94 13.64
C VAL A 242 -3.22 7.71 14.14
N VAL A 243 -3.50 6.70 13.31
CA VAL A 243 -2.91 5.37 13.37
C VAL A 243 -2.53 5.11 11.89
N LEU A 244 -1.41 4.44 11.73
CA LEU A 244 -0.99 4.18 10.35
C LEU A 244 -0.24 2.89 10.21
N SER A 245 -0.28 2.29 9.02
CA SER A 245 0.43 1.06 8.65
C SER A 245 1.38 1.49 7.52
N GLN A 246 2.60 1.01 7.57
CA GLN A 246 3.57 1.36 6.52
C GLN A 246 4.14 0.04 6.03
N SER A 247 4.45 0.07 4.75
CA SER A 247 5.09 -1.03 4.06
C SER A 247 6.33 -0.54 3.29
N TYR A 248 7.30 -1.41 3.27
CA TYR A 248 8.55 -1.20 2.58
C TYR A 248 8.55 -2.25 1.47
N ALA A 249 7.46 -2.96 1.32
CA ALA A 249 7.34 -3.99 0.32
C ALA A 249 7.57 -3.40 -1.05
N LYS A 250 7.03 -2.27 -1.48
CA LYS A 250 7.27 -1.69 -2.83
C LYS A 250 8.31 -0.62 -3.05
N ASN A 251 8.41 0.26 -2.08
CA ASN A 251 9.33 1.40 -2.15
C ASN A 251 10.74 0.93 -1.87
N MET A 252 10.94 -0.20 -1.20
CA MET A 252 12.34 -0.67 -0.96
C MET A 252 12.63 -1.90 -1.82
N GLY A 253 11.51 -2.39 -2.37
CA GLY A 253 11.38 -3.59 -3.23
C GLY A 253 11.73 -4.79 -2.39
N LEU A 254 11.40 -4.79 -1.12
CA LEU A 254 11.65 -5.72 -0.06
C LEU A 254 10.50 -6.70 0.11
N TYR A 255 9.62 -6.92 -0.81
CA TYR A 255 8.45 -7.75 -0.89
C TYR A 255 8.30 -8.97 0.05
N GLY A 256 9.07 -9.99 -0.32
CA GLY A 256 9.05 -11.23 0.42
C GLY A 256 9.84 -11.29 1.70
N GLU A 257 10.56 -10.28 2.15
CA GLU A 257 11.40 -10.27 3.34
C GLU A 257 10.59 -9.84 4.55
N ARG A 258 9.56 -9.14 4.13
CA ARG A 258 8.48 -8.52 4.88
C ARG A 258 8.88 -7.53 5.97
N ALA A 259 8.92 -6.22 5.64
CA ALA A 259 9.29 -5.26 6.70
C ALA A 259 8.20 -4.21 6.70
N GLY A 260 7.68 -3.80 7.81
CA GLY A 260 6.60 -2.75 7.84
C GLY A 260 6.57 -2.22 9.27
N ALA A 261 5.55 -1.40 9.49
CA ALA A 261 5.48 -0.88 10.89
C ALA A 261 4.10 -0.38 11.25
N PHE A 262 3.77 -0.33 12.51
CA PHE A 262 2.42 0.18 12.85
C PHE A 262 2.69 1.23 13.91
N THR A 263 2.11 2.36 13.76
CA THR A 263 2.16 3.52 14.65
C THR A 263 0.83 4.13 15.13
N VAL A 264 0.93 4.49 16.39
CA VAL A 264 -0.20 5.21 17.03
C VAL A 264 0.27 6.60 17.52
N ILE A 265 -0.38 7.73 17.17
CA ILE A 265 -0.04 9.06 17.65
C ILE A 265 -1.00 9.27 18.84
N CYS A 266 -0.35 9.31 19.97
CA CYS A 266 -1.04 9.50 21.24
C CYS A 266 -0.82 10.93 21.65
N ARG A 267 -1.22 11.31 22.83
CA ARG A 267 -1.06 12.65 23.41
C ARG A 267 0.18 12.97 24.21
N ASP A 268 0.89 12.05 24.77
CA ASP A 268 2.07 12.25 25.58
C ASP A 268 3.10 11.16 25.27
N ALA A 269 4.20 11.24 25.96
CA ALA A 269 5.30 10.33 25.95
C ALA A 269 4.90 9.18 26.90
N GLU A 270 4.14 9.53 27.92
CA GLU A 270 3.71 8.52 28.92
C GLU A 270 2.59 7.64 28.35
N GLU A 271 1.68 8.17 27.56
CA GLU A 271 0.58 7.42 26.94
C GLU A 271 1.17 6.43 25.92
N ALA A 272 2.08 6.96 25.10
CA ALA A 272 2.86 6.25 24.10
C ALA A 272 3.52 5.11 24.87
N LYS A 273 4.20 5.44 25.95
CA LYS A 273 4.82 4.40 26.75
C LYS A 273 3.81 3.38 27.24
N ARG A 274 2.55 3.61 27.44
CA ARG A 274 1.52 2.70 27.93
C ARG A 274 0.86 1.77 26.89
N VAL A 275 0.75 2.22 25.66
CA VAL A 275 0.21 1.65 24.46
C VAL A 275 1.26 0.67 23.97
N GLU A 276 2.50 1.00 24.03
CA GLU A 276 3.70 0.23 23.65
C GLU A 276 3.61 -1.10 24.38
N SER A 277 3.44 -1.01 25.69
CA SER A 277 3.35 -2.20 26.52
C SER A 277 2.23 -3.12 26.06
N GLN A 278 1.07 -2.59 25.79
CA GLN A 278 -0.13 -3.31 25.37
C GLN A 278 -0.08 -3.93 23.99
N LEU A 279 0.64 -3.28 23.09
CA LEU A 279 0.93 -3.59 21.70
C LEU A 279 1.78 -4.87 21.78
N LYS A 280 2.73 -4.86 22.70
CA LYS A 280 3.65 -5.94 22.99
C LYS A 280 2.94 -7.11 23.65
N ILE A 281 2.04 -6.93 24.56
CA ILE A 281 1.27 -8.06 25.11
C ILE A 281 0.45 -8.75 24.02
N LEU A 282 -0.06 -8.00 23.05
CA LEU A 282 -0.87 -8.38 21.88
C LEU A 282 -0.15 -9.17 20.76
N ILE A 283 1.09 -8.72 20.54
CA ILE A 283 2.06 -9.19 19.58
C ILE A 283 2.73 -10.43 20.12
N ARG A 284 3.01 -10.56 21.39
CA ARG A 284 3.68 -11.79 21.89
C ARG A 284 3.01 -13.13 21.51
N PRO A 285 1.71 -13.30 21.78
CA PRO A 285 0.96 -14.52 21.50
C PRO A 285 0.50 -14.75 20.07
N MET A 286 1.06 -13.96 19.18
CA MET A 286 0.90 -13.81 17.73
C MET A 286 2.03 -14.50 16.89
N TYR A 287 3.25 -13.98 17.03
CA TYR A 287 4.44 -14.51 16.34
C TYR A 287 5.71 -14.22 17.18
N SER A 288 5.53 -13.92 18.45
CA SER A 288 6.46 -13.59 19.49
C SER A 288 7.36 -12.44 19.12
N ASN A 289 8.03 -12.36 18.04
CA ASN A 289 8.94 -11.26 17.62
C ASN A 289 9.00 -11.40 16.10
N PRO A 290 9.26 -10.39 15.31
CA PRO A 290 9.27 -10.32 13.87
C PRO A 290 10.57 -10.55 13.11
N PRO A 291 10.35 -10.75 11.82
CA PRO A 291 11.44 -11.05 10.89
C PRO A 291 12.46 -9.92 10.74
N MET A 292 13.65 -10.28 11.26
CA MET A 292 14.83 -9.42 11.31
C MET A 292 15.49 -8.96 10.02
N ASN A 293 15.48 -9.73 8.97
CA ASN A 293 16.18 -9.32 7.75
C ASN A 293 15.69 -8.01 7.19
N GLY A 294 14.50 -7.86 6.68
CA GLY A 294 13.93 -6.65 6.07
C GLY A 294 14.15 -5.40 6.89
N ALA A 295 13.94 -5.48 8.19
CA ALA A 295 14.12 -4.44 9.21
C ALA A 295 15.55 -3.89 9.34
N ARG A 296 16.50 -4.76 9.17
CA ARG A 296 17.93 -4.68 9.17
C ARG A 296 18.37 -4.02 7.85
N ILE A 297 17.90 -4.48 6.71
CA ILE A 297 18.24 -3.85 5.40
C ILE A 297 17.81 -2.37 5.44
N ALA A 298 16.53 -2.13 5.65
CA ALA A 298 15.85 -0.86 5.70
C ALA A 298 16.42 0.13 6.68
N SER A 299 16.69 -0.39 7.86
CA SER A 299 17.27 0.50 8.94
C SER A 299 18.67 0.94 8.52
N LEU A 300 19.51 0.14 7.89
CA LEU A 300 20.85 0.54 7.43
C LEU A 300 20.68 1.61 6.34
N ILE A 301 19.73 1.46 5.42
CA ILE A 301 19.40 2.39 4.35
C ILE A 301 18.87 3.74 4.87
N LEU A 302 17.81 3.73 5.69
CA LEU A 302 17.23 4.89 6.30
C LEU A 302 18.22 5.69 7.17
N ASN A 303 19.05 4.98 7.87
CA ASN A 303 20.04 5.55 8.78
C ASN A 303 21.47 5.70 8.25
N THR A 304 21.72 5.52 6.97
CA THR A 304 23.03 5.73 6.35
C THR A 304 22.89 6.80 5.24
N PRO A 305 23.33 7.99 5.59
CA PRO A 305 23.30 9.14 4.70
C PRO A 305 23.34 8.75 3.24
N GLU A 306 24.36 8.10 2.76
CA GLU A 306 24.63 7.68 1.39
C GLU A 306 23.65 6.65 0.86
N LEU A 307 23.26 5.81 1.82
CA LEU A 307 22.29 4.74 1.56
C LEU A 307 20.99 5.48 1.42
N ARG A 308 20.54 6.32 2.29
CA ARG A 308 19.26 7.00 2.01
C ARG A 308 19.20 7.79 0.69
N LYS A 309 20.27 8.49 0.37
CA LYS A 309 20.46 9.32 -0.80
C LYS A 309 20.21 8.50 -2.08
N GLU A 310 20.98 7.41 -2.13
CA GLU A 310 20.86 6.49 -3.27
C GLU A 310 19.41 6.01 -3.39
N TRP A 311 18.84 5.65 -2.26
CA TRP A 311 17.49 5.24 -2.05
C TRP A 311 16.55 6.23 -2.74
N LEU A 312 16.65 7.54 -2.50
CA LEU A 312 15.70 8.45 -3.19
C LEU A 312 15.89 8.62 -4.67
N VAL A 313 17.12 8.42 -5.10
CA VAL A 313 17.43 8.57 -6.55
C VAL A 313 16.67 7.45 -7.26
N GLU A 314 16.83 6.26 -6.69
CA GLU A 314 16.21 5.03 -7.18
C GLU A 314 14.72 4.92 -6.91
N VAL A 315 14.06 5.62 -6.05
CA VAL A 315 12.64 5.62 -5.74
C VAL A 315 11.96 6.62 -6.66
N LYS A 316 12.85 7.39 -7.23
CA LYS A 316 12.59 8.42 -8.22
C LYS A 316 12.63 7.79 -9.60
N GLY A 317 13.60 6.94 -9.81
CA GLY A 317 13.72 6.23 -11.06
C GLY A 317 12.50 5.34 -11.32
N MET A 318 11.91 4.66 -10.37
CA MET A 318 10.76 3.76 -10.39
C MET A 318 9.46 4.50 -10.70
N ALA A 319 9.24 5.63 -10.08
CA ALA A 319 8.04 6.47 -10.31
C ALA A 319 7.98 6.99 -11.74
N ASP A 320 9.13 7.44 -12.22
CA ASP A 320 9.37 7.97 -13.56
C ASP A 320 9.04 6.97 -14.70
N ARG A 321 9.71 5.84 -14.55
CA ARG A 321 9.62 4.69 -15.45
C ARG A 321 8.14 4.28 -15.47
N ILE A 322 7.45 4.26 -14.33
CA ILE A 322 6.02 3.91 -14.40
C ILE A 322 5.34 4.93 -15.28
N ILE A 323 5.75 6.18 -15.14
CA ILE A 323 5.21 7.25 -16.00
C ILE A 323 5.46 7.11 -17.50
N SER A 324 6.72 6.78 -17.88
CA SER A 324 7.02 6.60 -19.31
C SER A 324 6.13 5.47 -19.87
N MET A 325 5.92 4.42 -19.10
CA MET A 325 5.09 3.27 -19.53
C MET A 325 3.62 3.61 -19.72
N ARG A 326 3.07 4.47 -18.87
CA ARG A 326 1.67 4.89 -18.96
C ARG A 326 1.53 5.59 -20.31
N THR A 327 2.41 6.57 -20.44
CA THR A 327 2.55 7.45 -21.60
C THR A 327 2.43 6.67 -22.90
N GLN A 328 3.47 5.86 -23.02
CA GLN A 328 3.66 4.94 -24.12
C GLN A 328 2.46 4.01 -24.27
N LEU A 329 1.78 3.67 -23.19
CA LEU A 329 0.67 2.74 -23.38
C LEU A 329 -0.39 3.34 -24.28
N VAL A 330 -0.82 4.51 -23.86
CA VAL A 330 -1.87 5.38 -24.41
C VAL A 330 -1.66 5.60 -25.89
N SER A 331 -0.41 5.88 -26.16
CA SER A 331 0.26 6.18 -27.39
C SER A 331 0.07 5.01 -28.34
N ASN A 332 0.47 3.83 -27.95
CA ASN A 332 0.32 2.65 -28.81
C ASN A 332 -1.17 2.39 -29.01
N LEU A 333 -1.92 2.63 -27.95
CA LEU A 333 -3.37 2.41 -28.04
C LEU A 333 -3.89 3.13 -29.28
N LYS A 334 -3.56 4.41 -29.34
CA LYS A 334 -3.99 5.25 -30.46
C LYS A 334 -3.42 4.74 -31.79
N LYS A 335 -2.16 4.37 -31.73
CA LYS A 335 -1.34 3.83 -32.81
C LYS A 335 -1.86 2.48 -33.29
N GLU A 336 -2.50 1.72 -32.41
CA GLU A 336 -3.06 0.40 -32.72
C GLU A 336 -4.43 0.60 -33.34
N GLY A 337 -4.93 1.80 -33.24
CA GLY A 337 -6.16 2.33 -33.76
C GLY A 337 -7.28 2.49 -32.76
N SER A 338 -6.91 2.60 -31.48
CA SER A 338 -7.97 2.71 -30.45
C SER A 338 -8.88 3.92 -30.56
N SER A 339 -10.15 3.54 -30.56
CA SER A 339 -11.24 4.52 -30.65
C SER A 339 -11.52 5.06 -29.25
N HIS A 340 -11.20 4.26 -28.26
CA HIS A 340 -11.55 4.78 -26.92
C HIS A 340 -10.60 5.83 -26.43
N ASN A 341 -11.06 6.42 -25.34
CA ASN A 341 -10.40 7.48 -24.56
C ASN A 341 -9.52 6.81 -23.52
N TRP A 342 -8.23 6.80 -23.53
CA TRP A 342 -7.35 6.15 -22.57
C TRP A 342 -6.67 7.15 -21.67
N GLN A 343 -7.24 8.32 -21.52
CA GLN A 343 -6.71 9.43 -20.70
C GLN A 343 -6.52 9.06 -19.24
N HIS A 344 -7.39 8.25 -18.68
CA HIS A 344 -7.23 7.83 -17.28
C HIS A 344 -5.92 7.11 -17.05
N ILE A 345 -5.42 6.38 -18.03
CA ILE A 345 -4.17 5.62 -17.96
C ILE A 345 -3.01 6.49 -17.49
N THR A 346 -2.89 7.67 -18.02
CA THR A 346 -1.84 8.65 -17.73
C THR A 346 -2.24 9.72 -16.73
N ASP A 347 -3.52 9.71 -16.45
CA ASP A 347 -4.18 10.53 -15.46
C ASP A 347 -3.87 9.90 -14.07
N GLN A 348 -4.13 8.64 -13.86
CA GLN A 348 -3.91 7.87 -12.62
C GLN A 348 -2.48 7.84 -12.13
N ILE A 349 -2.22 7.71 -10.85
CA ILE A 349 -0.88 7.68 -10.26
C ILE A 349 -0.64 6.44 -9.43
N GLY A 350 0.61 6.08 -9.20
CA GLY A 350 1.02 4.91 -8.45
C GLY A 350 1.35 3.78 -9.43
N MET A 351 1.24 2.55 -8.92
CA MET A 351 1.54 1.33 -9.67
C MET A 351 0.52 0.79 -10.64
N PHE A 352 -0.72 1.15 -10.41
CA PHE A 352 -1.85 0.68 -11.22
C PHE A 352 -2.52 1.68 -12.15
N CYS A 353 -3.46 1.06 -12.84
CA CYS A 353 -4.32 1.83 -13.78
C CYS A 353 -5.63 1.10 -13.42
N PHE A 354 -6.68 1.80 -13.53
CA PHE A 354 -8.03 1.23 -13.28
C PHE A 354 -8.65 1.50 -14.65
N THR A 355 -8.40 0.61 -15.61
CA THR A 355 -8.76 0.60 -17.01
C THR A 355 -10.24 0.55 -17.39
N GLY A 356 -11.06 -0.02 -16.54
CA GLY A 356 -12.46 -0.12 -16.88
C GLY A 356 -12.77 -1.38 -17.69
N LEU A 357 -11.88 -2.25 -18.07
CA LEU A 357 -12.25 -3.43 -18.83
C LEU A 357 -13.29 -4.22 -18.02
N LYS A 358 -14.23 -4.82 -18.74
CA LYS A 358 -15.28 -5.63 -18.16
C LYS A 358 -14.64 -7.03 -18.10
N PRO A 359 -15.15 -7.90 -17.26
CA PRO A 359 -14.66 -9.26 -17.08
C PRO A 359 -14.46 -10.25 -18.22
N GLU A 360 -15.20 -10.14 -19.28
CA GLU A 360 -15.12 -11.04 -20.43
C GLU A 360 -13.92 -10.67 -21.27
N GLN A 361 -13.56 -9.41 -21.18
CA GLN A 361 -12.41 -8.78 -21.83
C GLN A 361 -11.13 -9.07 -21.06
N VAL A 362 -11.23 -9.14 -19.76
CA VAL A 362 -10.12 -9.43 -18.82
C VAL A 362 -9.80 -10.91 -19.06
N GLU A 363 -10.87 -11.69 -19.22
CA GLU A 363 -10.83 -13.13 -19.42
C GLU A 363 -10.23 -13.59 -20.75
N ARG A 364 -10.57 -12.88 -21.79
CA ARG A 364 -10.08 -13.12 -23.14
C ARG A 364 -8.59 -12.78 -23.19
N LEU A 365 -8.28 -11.70 -22.47
CA LEU A 365 -6.89 -11.21 -22.36
C LEU A 365 -5.93 -12.30 -21.85
N THR A 366 -6.33 -13.02 -20.84
CA THR A 366 -5.68 -14.08 -20.07
C THR A 366 -5.49 -15.38 -20.87
N LYS A 367 -6.62 -15.68 -21.45
CA LYS A 367 -6.86 -16.81 -22.32
C LYS A 367 -6.22 -16.55 -23.68
N GLU A 368 -6.35 -15.48 -24.43
CA GLU A 368 -5.73 -15.31 -25.74
C GLU A 368 -4.32 -14.72 -25.80
N PHE A 369 -4.05 -13.81 -24.86
CA PHE A 369 -2.71 -13.25 -24.89
C PHE A 369 -1.87 -13.63 -23.69
N SER A 370 -2.34 -14.31 -22.69
CA SER A 370 -1.54 -14.62 -21.50
C SER A 370 -1.19 -13.43 -20.61
N ILE A 371 -2.04 -12.40 -20.62
CA ILE A 371 -1.90 -11.20 -19.80
C ILE A 371 -2.82 -11.43 -18.60
N TYR A 372 -2.22 -11.58 -17.42
CA TYR A 372 -2.84 -11.85 -16.11
C TYR A 372 -3.10 -10.59 -15.31
N MET A 373 -4.28 -10.18 -14.98
CA MET A 373 -4.68 -9.01 -14.19
C MET A 373 -5.90 -9.45 -13.34
N THR A 374 -6.30 -8.66 -12.39
CA THR A 374 -7.46 -8.97 -11.55
C THR A 374 -8.68 -8.62 -12.41
N LYS A 375 -9.78 -9.27 -12.18
CA LYS A 375 -11.05 -9.11 -12.88
C LYS A 375 -11.76 -7.76 -12.66
N ASP A 376 -11.29 -6.87 -11.81
CA ASP A 376 -11.89 -5.54 -11.56
C ASP A 376 -11.42 -4.57 -12.64
N GLY A 377 -10.63 -5.05 -13.54
CA GLY A 377 -10.02 -4.38 -14.67
C GLY A 377 -8.72 -3.72 -14.24
N ARG A 378 -8.23 -3.83 -13.04
CA ARG A 378 -6.99 -3.20 -12.59
C ARG A 378 -5.77 -3.94 -13.15
N ILE A 379 -4.85 -3.22 -13.75
CA ILE A 379 -3.61 -3.75 -14.26
C ILE A 379 -2.50 -2.93 -13.55
N SER A 380 -1.40 -3.59 -13.33
CA SER A 380 -0.19 -3.07 -12.75
C SER A 380 0.75 -2.74 -13.93
N VAL A 381 0.80 -1.44 -14.08
CA VAL A 381 1.65 -0.75 -15.09
C VAL A 381 3.11 -0.83 -14.65
N ALA A 382 3.21 -1.04 -13.32
CA ALA A 382 4.46 -1.20 -12.57
C ALA A 382 5.27 -2.28 -13.32
N GLY A 383 4.46 -3.26 -13.70
CA GLY A 383 4.85 -4.45 -14.41
C GLY A 383 5.18 -4.43 -15.87
N VAL A 384 5.00 -3.28 -16.51
CA VAL A 384 5.30 -3.14 -17.95
C VAL A 384 6.73 -2.67 -18.23
N ALA A 385 7.41 -3.34 -19.16
CA ALA A 385 8.77 -3.03 -19.62
C ALA A 385 8.77 -2.41 -21.01
N SER A 386 9.79 -1.74 -21.50
CA SER A 386 9.83 -1.15 -22.83
C SER A 386 9.49 -2.09 -23.96
N SER A 387 9.78 -3.33 -23.80
CA SER A 387 9.70 -4.54 -24.58
C SER A 387 8.28 -5.10 -24.65
N ASN A 388 7.44 -4.83 -23.68
CA ASN A 388 6.10 -5.44 -23.84
C ASN A 388 4.94 -4.46 -23.88
N VAL A 389 5.29 -3.20 -23.91
CA VAL A 389 4.25 -2.14 -23.94
C VAL A 389 3.40 -2.28 -25.22
N GLY A 390 4.10 -2.61 -26.31
CA GLY A 390 3.53 -2.85 -27.63
C GLY A 390 2.50 -3.96 -27.50
N TYR A 391 2.99 -5.07 -26.97
CA TYR A 391 2.15 -6.27 -26.74
C TYR A 391 0.91 -5.94 -25.92
N LEU A 392 1.03 -5.20 -24.83
CA LEU A 392 -0.15 -4.93 -24.01
C LEU A 392 -1.11 -4.11 -24.85
N ALA A 393 -0.54 -3.13 -25.53
CA ALA A 393 -1.36 -2.18 -26.33
C ALA A 393 -2.33 -2.87 -27.26
N HIS A 394 -1.72 -3.66 -28.08
CA HIS A 394 -2.35 -4.50 -29.09
C HIS A 394 -3.54 -5.37 -28.64
N ALA A 395 -3.20 -6.01 -27.53
CA ALA A 395 -3.98 -6.94 -26.78
C ALA A 395 -5.17 -6.15 -26.28
N ILE A 396 -4.73 -5.04 -25.65
CA ILE A 396 -5.80 -4.19 -25.09
C ILE A 396 -6.76 -3.83 -26.23
N HIS A 397 -6.25 -3.40 -27.35
CA HIS A 397 -7.00 -3.04 -28.50
C HIS A 397 -7.81 -4.20 -29.05
N GLN A 398 -7.15 -5.32 -29.29
CA GLN A 398 -7.93 -6.44 -29.86
C GLN A 398 -9.25 -6.67 -29.15
N VAL A 399 -9.23 -6.92 -27.88
CA VAL A 399 -10.21 -7.22 -26.88
C VAL A 399 -11.23 -6.17 -26.53
N THR A 400 -11.04 -4.99 -27.02
CA THR A 400 -11.69 -3.67 -26.92
C THR A 400 -12.23 -3.09 -28.21
N LYS A 401 -11.50 -3.40 -29.27
CA LYS A 401 -11.70 -3.02 -30.66
C LYS A 401 -13.11 -3.45 -31.08
N1 IK2 B . -2.07 -1.67 1.40
C2 IK2 B . -2.23 -1.52 0.07
C2A IK2 B . -3.00 -0.38 -0.53
C3 IK2 B . -1.58 -2.52 -0.73
O3 IK2 B . -1.93 -2.10 -1.95
C4 IK2 B . -0.87 -3.55 -0.19
C4A IK2 B . -0.12 -4.71 -0.81
N4A IK2 B . -0.39 -5.11 -1.95
OX IK2 B . 0.23 -5.96 -2.87
C1' IK2 B . 0.06 -7.33 -2.57
C2' IK2 B . -1.34 -7.92 -2.32
O1' IK2 B . -2.49 -7.51 -2.76
O2' IK2 B . -1.44 -8.83 -1.40
C5 IK2 B . -0.79 -3.58 1.26
C6 IK2 B . -1.39 -2.64 2.01
C5A IK2 B . 0.02 -4.79 1.82
O4P IK2 B . 1.30 -5.03 1.31
P IK2 B . 2.46 -5.84 2.02
O1P IK2 B . 3.11 -6.64 0.96
O2P IK2 B . 1.76 -6.73 3.04
O3P IK2 B . 3.35 -4.95 2.73
#